data_6W3I
#
_entry.id   6W3I
#
_cell.length_a   142.291
_cell.length_b   142.291
_cell.length_c   147.884
_cell.angle_alpha   90.00
_cell.angle_beta   90.00
_cell.angle_gamma   120.00
#
_symmetry.space_group_name_H-M   'P 31 2 1'
#
loop_
_entity.id
_entity.type
_entity.pdbx_description
1 polymer 'Terminal nucleotidyltransferase 5C'
2 polymer 'Serine/threonine-protein kinase PLK4'
#
loop_
_entity_poly.entity_id
_entity_poly.type
_entity_poly.pdbx_seq_one_letter_code
_entity_poly.pdbx_strand_id
1 'polypeptide(L)'
;FSVLNWDQVSRLHEVLTEVVPIHGRGNFPTLEITLKDIVQTVRSRLEEAGIKVHDVRLNGSAAGHVLVKDNGLGCKDLDL
IFHVALPTEAEFQLVRDVVLCSLLNFLPEGVNKLKISPVTLKEAYVQKLVKVCTDTDRWSLISLSNKNGKNVQLKFVDSI
RRQFEFSVDSFQIILDSLLDFYDCSNNPISEHDHPTVIGESMYGDFEEAFDHLQNRLIATKNPEEIRGGGLLKYSNLLVR
DFRPTDQEEIKTLERYMCSRFFIDFPDILEQQRKLETYLQNHFAEEERSKYDYLMILRRVVNESTVCLMGHERRQTLNLI
SLLALRVLAEQNIIPSATNVTCYYQ
;
A
2 'polypeptide(L)'
;RTLRSITSPLVAHRLKPIRQKTKKAVVSILDSEEVCVELVKEYASQEYVKEVLQISSDGNTITIYYPNGGRGFPLADRPP
SPTDNISRYSFDNLPEKYWRKYQYASRFVQLVRSKSPKITYFTRYAKCILMENSPGADFEVWFYDGVKIHKTEDFIQVIE
KTGKSYTLKSESEVNSLKEEIKMYMDHANEGHRICLALESIISEEERKTRSAPFFPIIIGRKP
;
B
#
# COMPACT_ATOMS: atom_id res chain seq x y z
N PHE A 1 -17.46 -0.90 26.98
CA PHE A 1 -18.59 -1.05 27.89
C PHE A 1 -18.76 0.20 28.75
N SER A 2 -19.04 1.34 28.10
CA SER A 2 -19.25 2.60 28.78
C SER A 2 -20.37 3.37 28.10
N VAL A 3 -21.05 4.22 28.87
CA VAL A 3 -22.22 4.97 28.41
C VAL A 3 -21.93 6.46 28.54
N LEU A 4 -22.31 7.22 27.53
CA LEU A 4 -22.15 8.67 27.56
C LEU A 4 -23.25 9.31 28.38
N ASN A 5 -22.99 10.54 28.81
CA ASN A 5 -23.94 11.32 29.59
C ASN A 5 -24.25 12.61 28.83
N TRP A 6 -25.21 13.39 29.36
CA TRP A 6 -25.61 14.65 28.73
C TRP A 6 -24.41 15.49 28.31
N ASP A 7 -23.34 15.44 29.10
CA ASP A 7 -22.07 16.13 28.82
C ASP A 7 -21.67 16.06 27.36
N GLN A 8 -21.46 14.84 26.85
CA GLN A 8 -21.00 14.63 25.47
C GLN A 8 -22.16 14.52 24.49
N VAL A 9 -23.32 14.08 24.97
CA VAL A 9 -24.46 13.89 24.08
C VAL A 9 -24.96 15.24 23.56
N SER A 10 -24.69 16.33 24.28
CA SER A 10 -24.96 17.65 23.70
C SER A 10 -24.09 17.90 22.46
N ARG A 11 -22.79 17.69 22.59
CA ARG A 11 -21.90 17.85 21.44
C ARG A 11 -22.20 16.86 20.34
N LEU A 12 -22.84 15.73 20.64
CA LEU A 12 -23.25 14.82 19.56
C LEU A 12 -24.25 15.50 18.63
N HIS A 13 -25.30 16.11 19.19
CA HIS A 13 -26.24 16.86 18.35
C HIS A 13 -25.53 18.02 17.67
N GLU A 14 -24.65 18.72 18.41
CA GLU A 14 -23.92 19.84 17.84
C GLU A 14 -23.10 19.42 16.62
N VAL A 15 -22.52 18.22 16.64
CA VAL A 15 -21.68 17.77 15.54
C VAL A 15 -22.53 17.22 14.40
N LEU A 16 -23.52 16.39 14.72
CA LEU A 16 -24.36 15.79 13.69
C LEU A 16 -25.34 16.77 13.06
N THR A 17 -25.42 18.01 13.55
CA THR A 17 -26.23 19.02 12.88
C THR A 17 -25.38 20.12 12.25
N GLU A 18 -24.07 20.13 12.50
CA GLU A 18 -23.20 21.16 11.94
C GLU A 18 -23.31 21.20 10.42
N VAL A 19 -23.64 22.39 9.91
CA VAL A 19 -23.79 22.60 8.48
C VAL A 19 -22.41 22.63 7.82
N VAL A 20 -22.19 21.73 6.88
CA VAL A 20 -20.89 21.52 6.25
C VAL A 20 -20.98 21.98 4.80
N PRO A 21 -20.07 22.85 4.33
CA PRO A 21 -20.01 23.18 2.90
C PRO A 21 -18.96 22.36 2.15
N ILE A 22 -19.38 21.74 1.04
CA ILE A 22 -18.51 20.96 0.18
C ILE A 22 -18.39 21.71 -1.14
N HIS A 23 -17.22 22.28 -1.39
CA HIS A 23 -17.02 23.17 -2.53
C HIS A 23 -16.69 22.36 -3.78
N GLY A 24 -17.18 22.85 -4.93
CA GLY A 24 -17.00 22.15 -6.19
C GLY A 24 -15.82 22.66 -7.00
N ARG A 25 -15.43 21.87 -7.99
CA ARG A 25 -14.31 22.21 -8.85
C ARG A 25 -14.78 22.47 -10.28
N ASN A 27 -16.65 25.12 -11.72
CA ASN A 27 -17.76 24.63 -12.53
C ASN A 27 -19.00 24.43 -11.67
N PHE A 28 -18.92 23.44 -10.78
CA PHE A 28 -20.06 22.99 -10.00
C PHE A 28 -20.32 23.93 -8.81
N PRO A 29 -21.57 24.03 -8.38
CA PRO A 29 -21.87 24.82 -7.19
C PRO A 29 -21.45 24.10 -5.91
N THR A 30 -21.37 24.87 -4.84
CA THR A 30 -21.10 24.32 -3.53
C THR A 30 -22.35 23.61 -3.00
N LEU A 31 -22.15 22.58 -2.18
CA LEU A 31 -23.23 21.91 -1.50
C LEU A 31 -23.21 22.25 -0.01
N GLU A 32 -24.40 22.34 0.57
CA GLU A 32 -24.60 22.75 1.95
C GLU A 32 -25.39 21.65 2.65
N ILE A 33 -24.70 20.80 3.43
CA ILE A 33 -25.29 19.55 3.89
C ILE A 33 -25.19 19.44 5.41
N THR A 34 -25.99 18.54 5.97
CA THR A 34 -25.94 18.21 7.39
C THR A 34 -25.50 16.76 7.55
N LEU A 35 -24.74 16.49 8.61
CA LEU A 35 -24.20 15.14 8.80
C LEU A 35 -25.32 14.12 8.98
N LYS A 36 -26.34 14.44 9.78
CA LYS A 36 -27.43 13.49 9.98
C LYS A 36 -28.18 13.23 8.68
N ASP A 37 -28.31 14.26 7.83
CA ASP A 37 -28.95 14.07 6.54
C ASP A 37 -28.18 13.06 5.70
N ILE A 38 -26.85 13.19 5.66
CA ILE A 38 -26.01 12.26 4.92
C ILE A 38 -26.18 10.84 5.45
N VAL A 39 -26.04 10.67 6.77
CA VAL A 39 -26.10 9.33 7.34
C VAL A 39 -27.45 8.69 7.03
N GLN A 40 -28.54 9.45 7.18
CA GLN A 40 -29.87 8.87 6.99
C GLN A 40 -30.12 8.53 5.53
N THR A 41 -29.78 9.45 4.62
CA THR A 41 -30.04 9.21 3.21
C THR A 41 -29.13 8.13 2.64
N VAL A 42 -27.98 7.87 3.27
CA VAL A 42 -27.12 6.78 2.85
C VAL A 42 -27.63 5.46 3.40
N ARG A 43 -28.04 5.43 4.67
CA ARG A 43 -28.60 4.22 5.26
C ARG A 43 -29.84 3.77 4.49
N SER A 44 -30.68 4.74 4.10
CA SER A 44 -31.91 4.41 3.38
C SER A 44 -31.61 3.74 2.04
N ARG A 45 -30.69 4.32 1.26
CA ARG A 45 -30.36 3.76 -0.04
C ARG A 45 -29.52 2.50 0.03
N LEU A 46 -28.82 2.25 1.15
CA LEU A 46 -28.16 0.96 1.33
C LEU A 46 -29.15 -0.13 1.73
N GLU A 47 -30.22 0.24 2.43
CA GLU A 47 -31.22 -0.76 2.78
C GLU A 47 -32.13 -1.10 1.60
N GLU A 48 -32.29 -0.19 0.65
CA GLU A 48 -33.06 -0.49 -0.56
C GLU A 48 -32.22 -1.21 -1.62
N ALA A 49 -30.95 -1.46 -1.35
CA ALA A 49 -30.10 -2.26 -2.22
C ALA A 49 -29.86 -3.66 -1.66
N GLY A 50 -30.43 -3.97 -0.50
CA GLY A 50 -30.30 -5.30 0.07
C GLY A 50 -29.00 -5.56 0.79
N ILE A 51 -28.43 -4.55 1.44
CA ILE A 51 -27.17 -4.68 2.16
C ILE A 51 -27.41 -4.33 3.62
N LYS A 52 -27.00 -5.21 4.52
CA LYS A 52 -27.27 -5.03 5.94
C LYS A 52 -26.41 -3.90 6.51
N VAL A 53 -27.05 -2.89 7.08
CA VAL A 53 -26.37 -1.81 7.79
C VAL A 53 -26.45 -2.17 9.27
N HIS A 54 -25.42 -2.84 9.77
CA HIS A 54 -25.41 -3.27 11.16
C HIS A 54 -25.19 -2.09 12.09
N ASP A 55 -23.95 -1.62 12.20
CA ASP A 55 -23.61 -0.48 13.05
C ASP A 55 -23.46 0.77 12.22
N VAL A 56 -23.86 1.91 12.80
CA VAL A 56 -23.49 3.23 12.29
C VAL A 56 -22.76 3.94 13.42
N ARG A 57 -21.54 4.41 13.14
CA ARG A 57 -20.67 4.92 14.19
C ARG A 57 -19.96 6.18 13.73
N LEU A 58 -19.74 7.09 14.68
CA LEU A 58 -18.90 8.26 14.49
C LEU A 58 -17.49 7.93 14.97
N ASN A 59 -16.50 8.32 14.17
CA ASN A 59 -15.11 7.96 14.43
C ASN A 59 -14.19 9.13 14.07
N GLY A 60 -12.96 9.05 14.56
CA GLY A 60 -11.93 10.02 14.23
C GLY A 60 -11.83 11.14 15.24
N SER A 61 -11.38 12.31 14.78
CA SER A 61 -11.28 13.46 15.67
C SER A 61 -12.64 13.94 16.15
N ALA A 62 -13.72 13.62 15.41
CA ALA A 62 -15.06 14.01 15.84
C ALA A 62 -15.43 13.32 17.14
N ALA A 63 -15.25 12.00 17.21
CA ALA A 63 -15.53 11.26 18.43
C ALA A 63 -14.53 11.59 19.54
N GLY A 64 -13.34 12.06 19.19
CA GLY A 64 -12.40 12.49 20.22
C GLY A 64 -12.76 13.83 20.82
N HIS A 65 -13.34 14.74 20.03
CA HIS A 65 -13.77 16.04 20.52
C HIS A 65 -15.17 16.02 21.12
N VAL A 66 -15.98 15.00 20.82
CA VAL A 66 -17.26 14.89 21.51
C VAL A 66 -17.06 14.45 22.94
N LEU A 67 -16.21 13.44 23.16
CA LEU A 67 -16.01 12.90 24.51
C LEU A 67 -15.38 13.92 25.45
N VAL A 68 -14.51 14.80 24.94
CA VAL A 68 -13.88 15.83 25.75
C VAL A 68 -13.88 17.13 24.94
N LYS A 69 -14.28 18.23 25.59
CA LYS A 69 -14.50 19.52 24.94
C LYS A 69 -13.31 19.96 24.10
N ASP A 70 -12.23 20.37 24.76
CA ASP A 70 -11.04 20.87 24.06
C ASP A 70 -9.82 20.11 24.58
N ASN A 71 -9.60 18.92 24.00
CA ASN A 71 -8.37 18.17 24.25
C ASN A 71 -7.23 18.60 23.35
N GLY A 72 -7.49 19.49 22.39
CA GLY A 72 -6.44 19.98 21.52
C GLY A 72 -5.95 18.96 20.51
N LEU A 73 -6.83 18.58 19.57
CA LEU A 73 -6.48 17.64 18.51
C LEU A 73 -6.81 18.14 17.12
N GLY A 74 -7.78 19.04 16.97
CA GLY A 74 -8.17 19.52 15.66
C GLY A 74 -9.36 18.78 15.10
N CYS A 75 -10.51 19.45 15.00
CA CYS A 75 -11.73 18.86 14.45
C CYS A 75 -11.60 18.65 12.94
N LYS A 76 -10.54 17.96 12.52
CA LYS A 76 -10.21 17.82 11.11
C LYS A 76 -10.95 16.67 10.43
N ASP A 77 -11.05 15.52 11.10
CA ASP A 77 -11.62 14.32 10.50
C ASP A 77 -12.97 14.01 11.16
N LEU A 78 -14.02 14.04 10.36
CA LEU A 78 -15.35 13.55 10.74
C LEU A 78 -15.55 12.24 10.02
N ASP A 79 -15.44 11.11 10.74
CA ASP A 79 -15.48 9.81 10.10
C ASP A 79 -16.78 9.10 10.43
N LEU A 80 -17.32 8.39 9.45
CA LEU A 80 -18.55 7.62 9.61
C LEU A 80 -18.29 6.19 9.19
N ILE A 81 -18.55 5.25 10.09
CA ILE A 81 -18.30 3.83 9.85
C ILE A 81 -19.63 3.08 9.87
N PHE A 82 -19.95 2.43 8.76
CA PHE A 82 -21.06 1.48 8.69
C PHE A 82 -20.49 0.09 8.52
N HIS A 83 -20.63 -0.75 9.54
CA HIS A 83 -20.25 -2.16 9.42
C HIS A 83 -21.20 -2.83 8.43
N VAL A 84 -20.67 -3.18 7.27
CA VAL A 84 -21.47 -3.51 6.10
C VAL A 84 -20.86 -4.73 5.42
N ALA A 85 -21.70 -5.75 5.14
CA ALA A 85 -21.22 -6.96 4.51
C ALA A 85 -20.83 -6.69 3.06
N LEU A 86 -19.64 -7.15 2.67
CA LEU A 86 -19.07 -6.88 1.35
C LEU A 86 -18.35 -8.11 0.83
N PRO A 87 -19.08 -9.09 0.31
CA PRO A 87 -18.43 -10.29 -0.23
C PRO A 87 -18.00 -10.15 -1.69
N THR A 88 -18.85 -9.57 -2.52
CA THR A 88 -18.63 -9.49 -3.95
C THR A 88 -18.17 -8.09 -4.35
N GLU A 89 -17.59 -8.01 -5.55
CA GLU A 89 -17.11 -6.71 -6.03
C GLU A 89 -18.26 -5.80 -6.42
N ALA A 90 -19.39 -6.38 -6.81
CA ALA A 90 -20.57 -5.57 -7.07
C ALA A 90 -21.02 -4.80 -5.84
N GLU A 91 -20.69 -5.31 -4.65
CA GLU A 91 -21.01 -4.59 -3.42
C GLU A 91 -20.33 -3.23 -3.38
N PHE A 92 -19.03 -3.18 -3.61
CA PHE A 92 -18.31 -1.90 -3.66
C PHE A 92 -18.81 -1.06 -4.81
N GLN A 93 -18.92 -1.67 -6.00
CA GLN A 93 -19.35 -0.93 -7.19
C GLN A 93 -20.73 -0.32 -7.00
N LEU A 94 -21.53 -0.87 -6.09
CA LEU A 94 -22.86 -0.34 -5.77
C LEU A 94 -22.86 0.62 -4.59
N VAL A 95 -21.96 0.45 -3.63
CA VAL A 95 -21.87 1.42 -2.54
C VAL A 95 -21.44 2.77 -3.07
N ARG A 96 -20.54 2.78 -4.07
CA ARG A 96 -20.20 4.04 -4.74
C ARG A 96 -21.46 4.72 -5.29
N ASP A 97 -22.31 3.94 -5.96
CA ASP A 97 -23.52 4.49 -6.56
C ASP A 97 -24.51 4.95 -5.49
N VAL A 98 -24.59 4.22 -4.38
CA VAL A 98 -25.43 4.65 -3.26
C VAL A 98 -25.00 6.03 -2.80
N VAL A 99 -23.69 6.22 -2.59
CA VAL A 99 -23.19 7.51 -2.11
C VAL A 99 -23.53 8.62 -3.10
N LEU A 100 -23.27 8.38 -4.39
CA LEU A 100 -23.46 9.47 -5.36
C LEU A 100 -24.94 9.76 -5.61
N CYS A 101 -25.80 8.73 -5.62
CA CYS A 101 -27.22 8.96 -5.79
C CYS A 101 -27.82 9.69 -4.60
N SER A 102 -27.33 9.39 -3.38
CA SER A 102 -27.71 10.19 -2.23
C SER A 102 -27.18 11.61 -2.35
N LEU A 103 -26.05 11.78 -3.03
CA LEU A 103 -25.44 13.10 -3.22
C LEU A 103 -26.17 13.97 -4.23
N LEU A 104 -26.88 13.37 -5.19
CA LEU A 104 -27.58 14.17 -6.20
C LEU A 104 -28.60 15.12 -5.56
N ASN A 105 -29.34 14.65 -4.57
CA ASN A 105 -30.51 15.37 -4.07
C ASN A 105 -30.15 16.63 -3.28
N PHE A 106 -29.47 17.60 -3.92
CA PHE A 106 -29.03 18.77 -3.16
C PHE A 106 -29.02 20.05 -3.98
N LEU A 107 -29.95 20.21 -4.92
CA LEU A 107 -30.10 21.44 -5.68
C LEU A 107 -31.53 21.61 -6.10
N PRO A 108 -32.00 22.84 -6.35
CA PRO A 108 -33.34 23.01 -6.90
C PRO A 108 -33.42 22.62 -8.38
N GLU A 109 -32.47 23.06 -9.19
CA GLU A 109 -32.27 22.53 -10.53
C GLU A 109 -31.43 21.25 -10.54
N GLY A 110 -31.56 20.42 -9.51
CA GLY A 110 -30.78 19.21 -9.42
C GLY A 110 -31.23 18.12 -10.37
N VAL A 111 -32.44 17.60 -10.17
CA VAL A 111 -32.96 16.60 -11.10
C VAL A 111 -33.15 17.21 -12.50
N ASN A 112 -33.23 18.54 -12.60
CA ASN A 112 -33.14 19.21 -13.89
C ASN A 112 -31.81 18.95 -14.57
N LYS A 113 -30.82 18.43 -13.85
CA LYS A 113 -29.54 18.02 -14.41
C LYS A 113 -29.29 16.54 -14.14
N LEU A 114 -30.33 15.72 -14.28
CA LEU A 114 -30.14 14.27 -14.19
C LEU A 114 -29.36 13.72 -15.38
N LYS A 115 -29.06 14.58 -16.36
CA LYS A 115 -28.14 14.28 -17.45
C LYS A 115 -26.70 14.62 -17.07
N ILE A 116 -26.32 14.24 -15.85
CA ILE A 116 -24.94 14.34 -15.38
C ILE A 116 -24.53 12.95 -14.93
N SER A 117 -23.48 12.41 -15.54
CA SER A 117 -23.05 11.07 -15.23
C SER A 117 -22.46 11.01 -13.82
N PRO A 118 -22.53 9.85 -13.16
CA PRO A 118 -21.93 9.75 -11.82
C PRO A 118 -20.43 9.98 -11.84
N VAL A 119 -19.76 9.53 -12.89
CA VAL A 119 -18.34 9.84 -13.01
C VAL A 119 -18.13 11.33 -13.19
N THR A 120 -19.09 12.03 -13.81
CA THR A 120 -19.03 13.49 -13.88
C THR A 120 -19.32 14.11 -12.53
N LEU A 121 -20.29 13.57 -11.79
CA LEU A 121 -20.57 14.03 -10.44
C LEU A 121 -19.34 13.87 -9.55
N LYS A 122 -18.49 12.88 -9.83
CA LYS A 122 -17.30 12.64 -9.03
C LYS A 122 -16.32 13.81 -9.07
N GLU A 123 -16.30 14.58 -10.16
CA GLU A 123 -15.18 15.49 -10.42
C GLU A 123 -15.07 16.57 -9.34
N ALA A 124 -16.20 17.01 -8.79
CA ALA A 124 -16.20 18.14 -7.88
C ALA A 124 -16.49 17.77 -6.43
N TYR A 125 -17.10 16.62 -6.18
CA TYR A 125 -17.66 16.31 -4.87
C TYR A 125 -16.98 15.17 -4.14
N VAL A 126 -16.04 14.46 -4.78
CA VAL A 126 -15.29 13.39 -4.14
C VAL A 126 -13.81 13.71 -4.24
N GLN A 127 -13.14 13.73 -3.08
CA GLN A 127 -11.71 14.02 -3.04
C GLN A 127 -10.92 12.72 -2.97
N LYS A 128 -10.79 12.17 -1.76
CA LYS A 128 -10.03 10.94 -1.54
C LYS A 128 -10.96 9.75 -1.74
N LEU A 129 -10.45 8.69 -2.37
CA LEU A 129 -11.27 7.53 -2.71
C LEU A 129 -10.42 6.27 -2.57
N VAL A 130 -10.70 5.46 -1.54
CA VAL A 130 -9.88 4.31 -1.19
C VAL A 130 -10.73 3.05 -1.24
N LYS A 131 -10.10 1.94 -1.60
CA LYS A 131 -10.81 0.67 -1.76
C LYS A 131 -9.84 -0.45 -1.44
N VAL A 132 -10.02 -1.14 -0.31
CA VAL A 132 -9.16 -2.25 0.07
C VAL A 132 -10.00 -3.52 0.12
N CYS A 133 -9.45 -4.60 -0.43
CA CYS A 133 -10.14 -5.89 -0.41
C CYS A 133 -9.12 -7.01 -0.50
N THR A 134 -8.39 -7.23 0.58
CA THR A 134 -7.30 -8.18 0.61
C THR A 134 -7.74 -9.45 1.34
N ASP A 135 -6.77 -10.22 1.84
CA ASP A 135 -7.11 -11.43 2.58
C ASP A 135 -7.67 -11.10 3.96
N THR A 136 -7.08 -10.11 4.64
CA THR A 136 -7.56 -9.69 5.96
C THR A 136 -8.52 -8.51 5.82
N ASP A 137 -8.01 -7.37 5.37
CA ASP A 137 -8.79 -6.15 5.33
C ASP A 137 -9.79 -6.17 4.19
N ARG A 138 -10.87 -5.41 4.35
CA ARG A 138 -11.99 -5.42 3.41
C ARG A 138 -12.92 -4.25 3.71
N TRP A 139 -12.77 -3.16 2.97
CA TRP A 139 -13.51 -1.93 3.27
C TRP A 139 -13.32 -0.94 2.13
N SER A 140 -14.09 0.15 2.19
CA SER A 140 -14.02 1.21 1.20
C SER A 140 -14.24 2.56 1.87
N LEU A 141 -13.57 3.57 1.35
CA LEU A 141 -13.60 4.92 1.91
C LEU A 141 -13.89 5.91 0.81
N ILE A 142 -14.78 6.86 1.09
CA ILE A 142 -15.08 7.96 0.19
C ILE A 142 -14.99 9.26 0.97
N SER A 143 -14.06 10.13 0.61
CA SER A 143 -13.92 11.42 1.24
C SER A 143 -14.58 12.49 0.38
N LEU A 144 -14.91 13.61 1.03
CA LEU A 144 -15.57 14.72 0.37
C LEU A 144 -14.64 15.94 0.37
N SER A 145 -14.96 16.89 -0.51
CA SER A 145 -14.07 18.01 -0.78
C SER A 145 -13.75 18.80 0.48
N ASN A 146 -12.54 19.36 0.53
CA ASN A 146 -12.05 20.09 1.69
C ASN A 146 -11.58 21.46 1.22
N LYS A 147 -12.42 22.47 1.41
CA LYS A 147 -12.06 23.83 1.03
C LYS A 147 -12.23 24.76 2.23
N ASN A 148 -13.46 25.22 2.46
CA ASN A 148 -13.74 26.08 3.61
C ASN A 148 -13.79 25.28 4.90
N GLY A 149 -14.40 24.10 4.86
CA GLY A 149 -14.47 23.21 5.99
C GLY A 149 -13.44 22.11 5.95
N LYS A 150 -13.74 21.01 6.63
CA LYS A 150 -12.84 19.87 6.69
C LYS A 150 -13.32 18.79 5.73
N ASN A 151 -12.71 17.61 5.80
CA ASN A 151 -13.04 16.50 4.92
C ASN A 151 -14.01 15.55 5.63
N VAL A 152 -15.11 15.22 4.95
CA VAL A 152 -16.14 14.34 5.48
C VAL A 152 -15.94 12.97 4.88
N GLN A 153 -15.56 11.99 5.70
CA GLN A 153 -15.27 10.66 5.21
C GLN A 153 -16.40 9.70 5.53
N LEU A 154 -16.68 8.82 4.58
CA LEU A 154 -17.67 7.75 4.71
C LEU A 154 -16.93 6.44 4.48
N LYS A 155 -16.80 5.64 5.52
CA LYS A 155 -15.97 4.43 5.49
C LYS A 155 -16.85 3.23 5.79
N PHE A 156 -17.13 2.43 4.76
CA PHE A 156 -17.93 1.22 4.89
C PHE A 156 -16.98 0.04 5.06
N VAL A 157 -17.08 -0.65 6.19
CA VAL A 157 -16.15 -1.70 6.58
C VAL A 157 -16.88 -3.03 6.65
N ASP A 158 -16.26 -4.08 6.09
CA ASP A 158 -16.68 -5.46 6.32
C ASP A 158 -15.76 -6.17 7.30
N SER A 159 -14.44 -5.94 7.19
CA SER A 159 -13.46 -6.54 8.09
C SER A 159 -12.15 -5.79 8.06
N ILE A 160 -11.87 -4.95 9.06
CA ILE A 160 -10.58 -4.29 9.18
C ILE A 160 -9.93 -4.78 10.48
N ARG A 161 -8.60 -4.88 10.46
CA ARG A 161 -7.89 -5.59 11.52
C ARG A 161 -7.56 -4.65 12.69
N ARG A 162 -6.74 -3.62 12.45
CA ARG A 162 -6.49 -2.58 13.43
C ARG A 162 -6.95 -1.24 12.89
N GLN A 163 -7.78 -0.54 13.67
CA GLN A 163 -8.41 0.71 13.22
C GLN A 163 -8.32 1.77 14.31
N PHE A 164 -7.10 1.98 14.83
CA PHE A 164 -6.86 3.10 15.72
C PHE A 164 -5.41 3.53 15.53
N GLU A 165 -5.16 4.82 15.76
CA GLU A 165 -3.78 5.28 15.71
C GLU A 165 -3.15 5.03 17.07
N PHE A 166 -3.27 5.98 18.00
CA PHE A 166 -2.90 5.75 19.39
C PHE A 166 -4.13 5.71 20.27
N SER A 167 -3.88 5.62 21.58
CA SER A 167 -4.96 5.54 22.56
C SER A 167 -5.93 6.71 22.41
N VAL A 168 -5.39 7.90 22.17
CA VAL A 168 -6.22 9.11 22.19
C VAL A 168 -7.24 9.10 21.06
N ASP A 169 -6.91 8.50 19.92
CA ASP A 169 -7.86 8.44 18.82
C ASP A 169 -8.23 7.00 18.50
N SER A 170 -8.82 6.31 19.48
CA SER A 170 -9.40 4.99 19.29
C SER A 170 -10.87 4.97 19.66
N PHE A 171 -11.51 6.13 19.69
CA PHE A 171 -12.83 6.29 20.27
C PHE A 171 -13.88 6.32 19.17
N GLN A 172 -14.94 5.54 19.35
CA GLN A 172 -16.06 5.49 18.42
C GLN A 172 -17.36 5.69 19.21
N ILE A 173 -18.28 6.43 18.61
CA ILE A 173 -19.59 6.67 19.19
C ILE A 173 -20.61 5.91 18.37
N ILE A 174 -21.18 4.86 18.96
CA ILE A 174 -22.17 4.04 18.26
C ILE A 174 -23.47 4.83 18.14
N LEU A 175 -23.85 5.13 16.91
CA LEU A 175 -24.92 6.09 16.63
C LEU A 175 -26.31 5.45 16.53
N ASP A 176 -26.42 4.12 16.65
CA ASP A 176 -27.72 3.46 16.52
C ASP A 176 -28.76 4.06 17.45
N SER A 177 -28.35 4.56 18.61
CA SER A 177 -29.26 5.11 19.60
C SER A 177 -29.96 6.37 19.12
N LEU A 178 -29.21 7.49 18.96
CA LEU A 178 -29.82 8.71 18.46
C LEU A 178 -30.35 8.55 17.05
N LEU A 179 -29.83 7.58 16.30
CA LEU A 179 -30.34 7.31 14.96
C LEU A 179 -31.73 6.67 15.03
N ASP A 180 -32.00 5.87 16.06
CA ASP A 180 -33.37 5.42 16.30
C ASP A 180 -34.23 6.51 16.92
N PHE A 181 -33.60 7.43 17.68
CA PHE A 181 -34.32 8.51 18.34
C PHE A 181 -35.18 9.28 17.36
N TYR A 182 -34.54 9.90 16.36
CA TYR A 182 -35.28 10.61 15.32
C TYR A 182 -35.04 9.97 13.95
N HIS A 192 -32.72 17.06 28.91
CA HIS A 192 -32.57 15.64 29.18
C HIS A 192 -33.40 14.81 28.17
N ASP A 193 -33.45 15.29 26.92
CA ASP A 193 -34.17 14.57 25.86
C ASP A 193 -33.21 13.66 25.07
N HIS A 194 -32.59 12.73 25.79
CA HIS A 194 -31.49 11.94 25.25
C HIS A 194 -31.59 10.49 25.69
N PRO A 195 -31.18 9.52 24.82
CA PRO A 195 -31.17 8.11 25.22
C PRO A 195 -29.76 7.57 25.45
N THR A 196 -29.66 6.25 25.65
CA THR A 196 -28.38 5.61 25.95
C THR A 196 -27.50 5.57 24.73
N VAL A 197 -26.41 6.34 24.74
CA VAL A 197 -25.47 6.43 23.62
C VAL A 197 -24.17 5.77 24.06
N ILE A 198 -23.90 4.56 23.55
CA ILE A 198 -22.71 3.80 23.94
C ILE A 198 -21.51 4.34 23.18
N GLY A 199 -20.36 4.40 23.87
CA GLY A 199 -19.09 4.66 23.20
C GLY A 199 -18.11 3.54 23.50
N GLU A 200 -17.11 3.42 22.64
CA GLU A 200 -16.19 2.30 22.78
C GLU A 200 -14.80 2.68 22.29
N SER A 201 -13.79 2.05 22.89
CA SER A 201 -12.39 2.26 22.51
C SER A 201 -11.87 1.06 21.74
N MET A 202 -11.12 1.34 20.67
CA MET A 202 -10.44 0.28 19.92
C MET A 202 -9.17 -0.19 20.62
N TYR A 203 -8.79 0.45 21.73
CA TYR A 203 -7.62 0.08 22.50
C TYR A 203 -7.93 -0.93 23.60
N GLY A 204 -9.22 -1.22 23.83
CA GLY A 204 -9.60 -2.26 24.77
C GLY A 204 -10.39 -1.73 25.96
N ASP A 205 -9.84 -1.90 27.16
CA ASP A 205 -10.43 -1.37 28.37
C ASP A 205 -10.63 0.13 28.26
N PHE A 206 -11.89 0.56 28.19
CA PHE A 206 -12.20 1.94 27.81
C PHE A 206 -11.68 2.95 28.82
N GLU A 207 -11.71 2.59 30.11
CA GLU A 207 -11.43 3.56 31.16
C GLU A 207 -10.02 4.13 31.02
N GLU A 208 -9.05 3.24 30.82
CA GLU A 208 -7.65 3.63 30.73
C GLU A 208 -7.41 4.53 29.53
N ALA A 209 -8.05 4.23 28.40
CA ALA A 209 -7.86 5.03 27.19
C ALA A 209 -8.51 6.40 27.32
N PHE A 210 -9.66 6.47 28.01
CA PHE A 210 -10.28 7.78 28.20
C PHE A 210 -9.48 8.64 29.16
N ASP A 211 -8.86 8.01 30.18
CA ASP A 211 -7.88 8.71 31.00
C ASP A 211 -6.74 9.25 30.15
N HIS A 212 -6.19 8.41 29.26
CA HIS A 212 -5.16 8.87 28.32
C HIS A 212 -5.60 10.10 27.54
N LEU A 213 -6.84 10.11 27.04
CA LEU A 213 -7.31 11.27 26.30
C LEU A 213 -7.36 12.50 27.19
N GLN A 214 -8.09 12.44 28.30
CA GLN A 214 -8.35 13.68 29.03
C GLN A 214 -7.10 14.21 29.71
N ASN A 215 -6.13 13.35 30.05
CA ASN A 215 -4.88 13.82 30.62
C ASN A 215 -3.80 14.09 29.57
N ARG A 216 -4.11 13.88 28.29
CA ARG A 216 -3.17 14.14 27.18
C ARG A 216 -1.92 13.26 27.33
N LEU A 217 -2.11 11.97 27.07
CA LEU A 217 -1.06 10.97 27.21
C LEU A 217 -0.92 10.19 25.91
N ILE A 218 0.05 9.26 25.90
CA ILE A 218 0.37 8.47 24.72
C ILE A 218 0.69 7.05 25.17
N ALA A 219 0.02 6.07 24.56
CA ALA A 219 0.26 4.67 24.86
C ALA A 219 -0.44 3.80 23.83
N THR A 220 0.17 2.67 23.52
CA THR A 220 -0.43 1.66 22.65
C THR A 220 0.29 0.34 22.86
N LYS A 221 -0.45 -0.67 23.32
CA LYS A 221 0.11 -2.01 23.51
C LYS A 221 0.01 -2.86 22.24
N ASN A 222 0.04 -2.23 21.07
CA ASN A 222 -0.04 -2.95 19.79
C ASN A 222 0.96 -2.38 18.80
N PRO A 223 2.25 -2.36 19.13
CA PRO A 223 3.22 -1.69 18.24
C PRO A 223 3.56 -2.53 17.01
N GLU A 224 3.33 -3.84 17.07
CA GLU A 224 3.66 -4.74 15.96
C GLU A 224 3.01 -4.31 14.66
N GLU A 225 1.83 -3.67 14.74
CA GLU A 225 0.88 -3.65 13.63
C GLU A 225 0.67 -2.24 13.08
N ILE A 226 1.54 -1.29 13.42
CA ILE A 226 1.39 0.08 12.94
C ILE A 226 1.90 0.17 11.50
N ARG A 227 1.20 0.92 10.67
CA ARG A 227 1.75 1.29 9.36
C ARG A 227 2.98 2.17 9.57
N GLY A 228 3.80 2.25 8.53
CA GLY A 228 5.08 2.94 8.66
C GLY A 228 4.95 4.37 9.13
N GLY A 229 3.86 5.04 8.76
CA GLY A 229 3.68 6.45 9.06
C GLY A 229 3.04 6.75 10.40
N GLY A 230 3.16 5.82 11.36
CA GLY A 230 2.70 6.10 12.71
C GLY A 230 3.60 7.07 13.45
N LEU A 231 4.87 7.11 13.06
CA LEU A 231 5.81 8.09 13.60
C LEU A 231 5.30 9.51 13.40
N LEU A 232 4.66 9.77 12.26
CA LEU A 232 4.19 11.09 11.93
C LEU A 232 3.13 11.55 12.92
N LYS A 233 2.20 10.66 13.29
CA LYS A 233 1.21 11.06 14.27
C LYS A 233 1.75 11.04 15.69
N TYR A 234 2.73 10.18 15.99
CA TYR A 234 3.46 10.32 17.24
C TYR A 234 3.97 11.75 17.42
N SER A 235 4.59 12.29 16.39
CA SER A 235 5.12 13.64 16.53
C SER A 235 4.03 14.71 16.43
N ASN A 236 2.97 14.47 15.66
CA ASN A 236 1.81 15.36 15.73
C ASN A 236 1.29 15.47 17.15
N LEU A 237 1.32 14.38 17.90
CA LEU A 237 0.89 14.42 19.31
C LEU A 237 1.91 15.14 20.17
N LEU A 238 3.21 14.88 19.96
CA LEU A 238 4.22 15.59 20.74
C LEU A 238 4.17 17.09 20.51
N VAL A 239 3.78 17.53 19.32
CA VAL A 239 3.74 18.96 19.03
C VAL A 239 2.60 19.62 19.79
N ARG A 240 1.42 19.00 19.80
CA ARG A 240 0.30 19.52 20.56
C ARG A 240 0.32 19.05 22.01
N ASP A 241 1.50 18.67 22.51
CA ASP A 241 1.79 18.59 23.94
C ASP A 241 1.21 17.36 24.62
N PHE A 242 1.40 16.18 24.04
CA PHE A 242 1.12 14.92 24.71
C PHE A 242 2.43 14.28 25.12
N ARG A 243 2.38 13.42 26.14
CA ARG A 243 3.59 12.83 26.67
C ARG A 243 3.35 11.38 27.07
N PRO A 244 4.39 10.55 27.03
CA PRO A 244 4.22 9.10 27.25
C PRO A 244 3.87 8.74 28.68
N THR A 245 3.85 7.44 28.95
CA THR A 245 3.47 6.91 30.26
C THR A 245 4.58 6.12 30.92
N ASP A 246 5.29 5.27 30.18
CA ASP A 246 6.41 4.50 30.70
C ASP A 246 7.66 4.83 29.90
N GLN A 247 8.65 5.43 30.55
CA GLN A 247 9.97 5.55 29.94
C GLN A 247 10.63 4.20 29.73
N GLU A 248 10.15 3.16 30.44
CA GLU A 248 10.63 1.81 30.22
C GLU A 248 10.54 1.43 28.75
N GLU A 249 9.50 1.87 28.07
CA GLU A 249 9.23 1.46 26.71
C GLU A 249 9.25 2.59 25.70
N ILE A 250 9.52 3.84 26.11
CA ILE A 250 9.37 4.94 25.15
C ILE A 250 10.49 4.96 24.12
N LYS A 251 11.75 4.76 24.55
CA LYS A 251 12.84 4.82 23.59
C LYS A 251 12.85 3.56 22.72
N THR A 252 12.51 2.41 23.32
CA THR A 252 12.31 1.20 22.54
C THR A 252 11.20 1.37 21.51
N LEU A 253 10.11 2.04 21.90
CA LEU A 253 8.98 2.25 21.00
C LEU A 253 9.35 3.19 19.86
N GLU A 254 10.06 4.27 20.17
CA GLU A 254 10.51 5.17 19.11
C GLU A 254 11.42 4.44 18.13
N ARG A 255 12.29 3.54 18.63
CA ARG A 255 13.16 2.82 17.71
C ARG A 255 12.37 1.84 16.85
N TYR A 256 11.33 1.21 17.40
CA TYR A 256 10.42 0.40 16.57
C TYR A 256 9.74 1.23 15.50
N MET A 257 9.19 2.39 15.89
CA MET A 257 8.47 3.22 14.92
C MET A 257 9.40 3.70 13.81
N CYS A 258 10.62 4.12 14.16
CA CYS A 258 11.57 4.54 13.13
C CYS A 258 11.98 3.37 12.24
N SER A 259 12.17 2.18 12.81
CA SER A 259 12.45 1.00 12.01
C SER A 259 11.37 0.79 10.96
N ARG A 260 10.11 0.73 11.39
CA ARG A 260 9.05 0.52 10.40
C ARG A 260 8.86 1.72 9.47
N PHE A 261 9.25 2.92 9.87
CA PHE A 261 9.28 4.02 8.91
C PHE A 261 10.25 3.74 7.78
N PHE A 262 11.51 3.46 8.12
CA PHE A 262 12.47 3.13 7.06
C PHE A 262 12.02 1.91 6.25
N ILE A 263 11.24 1.02 6.86
CA ILE A 263 10.76 -0.15 6.12
C ILE A 263 9.71 0.24 5.09
N ASP A 264 8.67 0.95 5.50
CA ASP A 264 7.57 1.23 4.59
C ASP A 264 7.79 2.44 3.68
N PHE A 265 8.92 3.14 3.82
CA PHE A 265 9.27 4.27 2.94
C PHE A 265 10.77 4.22 2.69
N PRO A 266 11.22 3.35 1.80
CA PRO A 266 12.67 3.15 1.62
C PRO A 266 13.35 4.22 0.79
N ASP A 267 12.63 4.77 -0.19
CA ASP A 267 13.22 5.74 -1.10
C ASP A 267 13.23 7.13 -0.47
N ILE A 268 14.25 7.92 -0.80
CA ILE A 268 14.32 9.30 -0.36
C ILE A 268 13.04 10.03 -0.77
N LEU A 269 12.59 9.81 -1.99
CA LEU A 269 11.52 10.64 -2.55
C LEU A 269 10.15 10.22 -2.04
N GLU A 270 9.98 8.96 -1.62
CA GLU A 270 8.73 8.59 -0.96
C GLU A 270 8.64 9.17 0.44
N GLN A 271 9.76 9.17 1.17
CA GLN A 271 9.83 9.87 2.45
C GLN A 271 9.47 11.35 2.26
N GLN A 272 10.09 11.98 1.28
CA GLN A 272 9.86 13.41 1.03
C GLN A 272 8.42 13.67 0.62
N ARG A 273 7.85 12.81 -0.23
CA ARG A 273 6.45 12.93 -0.62
C ARG A 273 5.55 12.86 0.60
N LYS A 274 5.76 11.87 1.46
CA LYS A 274 4.85 11.71 2.58
C LYS A 274 5.00 12.84 3.58
N LEU A 275 6.22 13.34 3.80
CA LEU A 275 6.39 14.49 4.68
C LEU A 275 5.69 15.73 4.11
N GLU A 276 5.90 16.01 2.83
CA GLU A 276 5.29 17.20 2.23
C GLU A 276 3.78 17.11 2.27
N THR A 277 3.22 15.97 1.88
CA THR A 277 1.78 15.75 1.87
C THR A 277 1.20 15.60 3.26
N TYR A 278 2.01 15.38 4.28
CA TYR A 278 1.51 15.43 5.65
C TYR A 278 1.48 16.86 6.17
N LEU A 279 2.57 17.61 5.93
CA LEU A 279 2.63 19.00 6.33
C LEU A 279 1.50 19.81 5.69
N GLN A 280 1.25 19.58 4.41
CA GLN A 280 0.24 20.38 3.74
C GLN A 280 -1.18 19.96 4.10
N ASN A 281 -1.37 18.69 4.50
CA ASN A 281 -2.71 18.24 4.87
C ASN A 281 -3.09 18.65 6.29
N HIS A 282 -2.17 18.49 7.25
CA HIS A 282 -2.53 18.65 8.65
C HIS A 282 -2.32 20.05 9.20
N PHE A 283 -1.60 20.93 8.51
CA PHE A 283 -1.16 22.20 9.08
C PHE A 283 -1.75 23.37 8.30
N ALA A 284 -2.52 24.21 9.00
CA ALA A 284 -3.20 25.35 8.39
C ALA A 284 -2.54 26.66 8.81
N GLU A 285 -2.80 27.09 10.04
CA GLU A 285 -2.22 28.32 10.58
C GLU A 285 -2.25 28.34 12.10
N ARG A 288 3.79 28.04 9.73
CA ARG A 288 4.98 28.20 10.55
C ARG A 288 5.06 27.13 11.67
N SER A 289 3.90 26.66 12.16
CA SER A 289 3.86 25.50 13.05
C SER A 289 4.62 24.33 12.46
N LYS A 290 4.66 24.26 11.12
CA LYS A 290 5.39 23.23 10.41
C LYS A 290 6.82 23.12 10.93
N TYR A 291 7.41 24.26 11.31
CA TYR A 291 8.80 24.24 11.76
C TYR A 291 8.94 23.51 13.10
N ASP A 292 8.07 23.83 14.05
CA ASP A 292 8.11 23.12 15.32
C ASP A 292 7.91 21.63 15.11
N TYR A 293 7.02 21.27 14.19
CA TYR A 293 6.78 19.85 13.96
C TYR A 293 8.02 19.18 13.37
N LEU A 294 8.67 19.84 12.41
CA LEU A 294 9.88 19.30 11.81
C LEU A 294 11.00 19.14 12.83
N MET A 295 11.09 20.06 13.79
CA MET A 295 12.12 19.93 14.81
C MET A 295 11.81 18.77 15.77
N ILE A 296 10.53 18.54 16.07
CA ILE A 296 10.19 17.36 16.84
C ILE A 296 10.58 16.09 16.09
N LEU A 297 10.31 16.06 14.78
CA LEU A 297 10.82 14.94 13.95
C LEU A 297 12.33 14.80 14.06
N ARG A 298 13.07 15.89 13.87
CA ARG A 298 14.53 15.77 13.90
C ARG A 298 14.99 15.18 15.21
N ARG A 299 14.44 15.65 16.34
CA ARG A 299 14.88 15.13 17.63
C ARG A 299 14.52 13.66 17.79
N VAL A 300 13.30 13.27 17.38
CA VAL A 300 12.89 11.87 17.54
C VAL A 300 13.78 10.95 16.70
N VAL A 301 13.94 11.25 15.42
CA VAL A 301 14.71 10.37 14.56
C VAL A 301 16.21 10.48 14.77
N ASN A 302 16.67 11.51 15.48
CA ASN A 302 18.10 11.64 15.77
C ASN A 302 18.48 10.86 17.03
N GLU A 303 17.74 11.07 18.13
CA GLU A 303 18.01 10.29 19.33
C GLU A 303 17.73 8.82 19.09
N SER A 304 16.48 8.50 18.77
CA SER A 304 16.03 7.12 18.60
C SER A 304 16.53 6.51 17.30
N THR A 305 17.83 6.24 17.22
CA THR A 305 18.42 5.61 16.04
C THR A 305 19.50 4.63 16.47
N VAL A 306 19.36 3.37 16.03
CA VAL A 306 20.38 2.37 16.27
C VAL A 306 21.65 2.74 15.51
N CYS A 307 22.80 2.58 16.17
CA CYS A 307 24.07 3.01 15.59
C CYS A 307 24.37 2.32 14.27
N LEU A 308 23.91 1.08 14.10
CA LEU A 308 24.11 0.37 12.84
C LEU A 308 23.48 1.12 11.67
N MET A 309 22.26 1.63 11.87
CA MET A 309 21.54 2.35 10.82
C MET A 309 22.18 3.73 10.64
N GLY A 310 23.30 3.75 9.94
CA GLY A 310 24.07 4.97 9.79
C GLY A 310 23.53 5.91 8.73
N HIS A 311 23.74 5.58 7.46
CA HIS A 311 23.35 6.49 6.38
C HIS A 311 21.86 6.40 6.05
N GLU A 312 21.20 5.28 6.39
CA GLU A 312 19.74 5.22 6.36
C GLU A 312 19.14 6.45 7.01
N ARG A 313 19.53 6.72 8.25
CA ARG A 313 19.01 7.88 8.96
C ARG A 313 19.71 9.17 8.56
N ARG A 314 20.93 9.10 8.01
CA ARG A 314 21.62 10.31 7.62
C ARG A 314 20.89 11.01 6.48
N GLN A 315 20.46 10.24 5.48
CA GLN A 315 19.73 10.87 4.37
C GLN A 315 18.42 11.46 4.87
N THR A 316 17.76 10.80 5.83
CA THR A 316 16.48 11.29 6.33
C THR A 316 16.64 12.55 7.18
N LEU A 317 17.69 12.61 8.00
CA LEU A 317 17.97 13.83 8.76
C LEU A 317 18.33 14.99 7.84
N ASN A 318 19.18 14.74 6.84
CA ASN A 318 19.46 15.80 5.87
C ASN A 318 18.17 16.27 5.19
N LEU A 319 17.27 15.33 4.88
CA LEU A 319 16.02 15.68 4.22
C LEU A 319 15.13 16.54 5.12
N ILE A 320 14.97 16.13 6.38
CA ILE A 320 14.14 16.90 7.30
C ILE A 320 14.73 18.28 7.54
N SER A 321 16.07 18.37 7.63
CA SER A 321 16.70 19.67 7.76
C SER A 321 16.47 20.54 6.54
N LEU A 322 16.45 19.93 5.35
CA LEU A 322 16.16 20.70 4.14
C LEU A 322 14.73 21.18 4.13
N LEU A 323 13.78 20.32 4.51
CA LEU A 323 12.40 20.76 4.68
C LEU A 323 12.31 21.94 5.63
N ALA A 324 13.03 21.88 6.75
CA ALA A 324 12.96 22.95 7.75
C ALA A 324 13.55 24.25 7.20
N LEU A 325 14.67 24.16 6.50
CA LEU A 325 15.26 25.36 5.90
C LEU A 325 14.31 25.96 4.87
N ARG A 326 13.63 25.12 4.10
CA ARG A 326 12.63 25.61 3.17
C ARG A 326 11.48 26.30 3.89
N VAL A 327 11.02 25.70 5.00
CA VAL A 327 9.89 26.27 5.73
C VAL A 327 10.25 27.64 6.29
N LEU A 328 11.39 27.74 6.97
CA LEU A 328 11.79 29.05 7.49
C LEU A 328 12.16 30.02 6.37
N ALA A 329 12.48 29.54 5.18
CA ALA A 329 12.72 30.44 4.06
C ALA A 329 11.44 30.99 3.46
N GLU A 330 10.28 30.40 3.78
CA GLU A 330 8.99 30.88 3.32
C GLU A 330 8.02 31.04 4.49
N ARG B 1 -13.73 -18.88 -14.32
CA ARG B 1 -13.05 -19.66 -13.29
C ARG B 1 -12.20 -18.77 -12.37
N THR B 2 -10.98 -19.21 -12.03
CA THR B 2 -10.11 -18.48 -11.13
C THR B 2 -8.85 -18.00 -11.84
N LEU B 3 -8.21 -16.99 -11.23
CA LEU B 3 -6.98 -16.42 -11.76
C LEU B 3 -5.77 -17.30 -11.46
N ARG B 4 -5.75 -17.95 -10.30
CA ARG B 4 -4.58 -18.73 -9.89
C ARG B 4 -4.35 -19.91 -10.82
N SER B 5 -5.40 -20.43 -11.45
CA SER B 5 -5.30 -21.48 -12.44
C SER B 5 -4.89 -20.96 -13.81
N ILE B 6 -4.45 -19.71 -13.89
CA ILE B 6 -3.96 -19.12 -15.14
C ILE B 6 -2.47 -18.83 -15.06
N THR B 7 -2.05 -18.08 -14.04
CA THR B 7 -0.66 -17.75 -13.83
C THR B 7 -0.39 -17.68 -12.34
N SER B 8 0.69 -18.29 -11.90
CA SER B 8 1.07 -18.25 -10.50
C SER B 8 1.60 -16.87 -10.12
N PRO B 9 1.51 -16.49 -8.85
CA PRO B 9 1.99 -15.16 -8.44
C PRO B 9 3.47 -14.99 -8.73
N LEU B 10 3.85 -13.76 -9.07
CA LEU B 10 5.21 -13.49 -9.49
C LEU B 10 6.19 -13.57 -8.31
N VAL B 11 7.45 -13.85 -8.63
CA VAL B 11 8.50 -14.06 -7.65
C VAL B 11 9.61 -13.04 -7.96
N ALA B 12 9.58 -11.90 -7.28
CA ALA B 12 10.47 -10.80 -7.59
C ALA B 12 11.73 -10.77 -6.73
N HIS B 13 11.93 -11.76 -5.86
CA HIS B 13 13.06 -11.75 -4.93
C HIS B 13 14.38 -11.75 -5.68
N ARG B 14 15.38 -11.13 -5.07
CA ARG B 14 16.79 -11.23 -5.48
C ARG B 14 17.06 -10.63 -6.86
N LEU B 15 16.09 -9.94 -7.45
CA LEU B 15 16.19 -9.50 -8.83
C LEU B 15 16.77 -8.10 -8.91
N LYS B 16 17.75 -7.93 -9.78
CA LYS B 16 18.38 -6.64 -9.97
C LYS B 16 17.42 -5.73 -10.75
N PRO B 17 17.22 -4.49 -10.31
CA PRO B 17 16.14 -3.67 -10.89
C PRO B 17 16.36 -3.34 -12.35
N ILE B 18 15.34 -3.57 -13.17
CA ILE B 18 15.35 -3.33 -14.60
C ILE B 18 14.08 -2.57 -14.97
N ARG B 19 14.13 -1.89 -16.11
CA ARG B 19 12.97 -1.18 -16.65
C ARG B 19 12.88 -1.45 -18.14
N GLN B 20 11.74 -1.96 -18.60
CA GLN B 20 11.50 -2.22 -20.02
C GLN B 20 10.26 -1.45 -20.48
N LYS B 21 10.39 -0.79 -21.63
CA LYS B 21 9.30 -0.02 -22.23
C LYS B 21 8.75 -0.77 -23.43
N THR B 22 7.65 -1.49 -23.24
CA THR B 22 6.94 -2.05 -24.37
C THR B 22 6.00 -1.00 -24.96
N LYS B 23 5.37 -1.37 -26.08
CA LYS B 23 4.43 -0.46 -26.74
C LYS B 23 3.33 0.00 -25.78
N LYS B 24 2.63 -0.94 -25.17
CA LYS B 24 1.42 -0.66 -24.41
C LYS B 24 1.69 -0.31 -22.96
N ALA B 25 2.69 -0.92 -22.34
CA ALA B 25 2.98 -0.70 -20.94
C ALA B 25 4.43 -0.27 -20.77
N VAL B 26 4.76 0.05 -19.51
CA VAL B 26 6.14 0.21 -19.07
C VAL B 26 6.24 -0.61 -17.81
N VAL B 27 7.05 -1.66 -17.84
CA VAL B 27 7.23 -2.53 -16.69
C VAL B 27 8.55 -2.20 -16.04
N SER B 28 8.55 -2.12 -14.71
CA SER B 28 9.76 -1.85 -13.95
C SER B 28 9.83 -2.84 -12.80
N ILE B 29 11.04 -3.28 -12.49
CA ILE B 29 11.29 -3.97 -11.23
C ILE B 29 11.89 -2.91 -10.30
N LEU B 30 11.05 -2.31 -9.48
CA LEU B 30 11.50 -1.24 -8.61
C LEU B 30 12.59 -1.73 -7.66
N ASP B 31 13.42 -0.79 -7.20
CA ASP B 31 14.60 -1.15 -6.43
C ASP B 31 14.23 -1.88 -5.15
N SER B 32 13.00 -1.68 -4.66
CA SER B 32 12.51 -2.36 -3.46
C SER B 32 12.00 -3.77 -3.74
N GLU B 33 12.21 -4.28 -4.95
CA GLU B 33 11.74 -5.59 -5.42
C GLU B 33 10.23 -5.64 -5.65
N GLU B 34 9.57 -4.49 -5.78
CA GLU B 34 8.16 -4.46 -6.16
C GLU B 34 8.06 -4.28 -7.67
N VAL B 35 7.31 -5.14 -8.32
CA VAL B 35 7.09 -5.00 -9.75
C VAL B 35 6.07 -3.89 -9.98
N CYS B 36 6.19 -3.18 -11.10
CA CYS B 36 5.38 -2.00 -11.32
C CYS B 36 5.04 -1.91 -12.80
N VAL B 37 3.78 -2.13 -13.14
CA VAL B 37 3.27 -1.96 -14.49
C VAL B 37 2.59 -0.59 -14.54
N GLU B 38 2.87 0.18 -15.59
CA GLU B 38 2.22 1.46 -15.78
C GLU B 38 1.78 1.59 -17.23
N LEU B 39 0.49 1.90 -17.42
CA LEU B 39 -0.09 2.00 -18.75
C LEU B 39 0.13 3.38 -19.35
N VAL B 40 0.18 3.44 -20.67
CA VAL B 40 0.58 4.63 -21.40
C VAL B 40 -0.49 4.97 -22.44
N LYS B 41 -0.72 6.27 -22.64
CA LYS B 41 -1.49 6.77 -23.76
C LYS B 41 -0.68 7.88 -24.43
N GLU B 42 -0.47 7.75 -25.74
CA GLU B 42 0.14 8.83 -26.50
C GLU B 42 -0.93 9.85 -26.84
N TYR B 43 -0.68 11.10 -26.46
CA TYR B 43 -1.70 12.14 -26.56
C TYR B 43 -0.97 13.46 -26.71
N ALA B 44 -1.33 14.22 -27.75
CA ALA B 44 -0.65 15.47 -28.08
C ALA B 44 0.87 15.28 -28.16
N SER B 45 1.28 14.22 -28.84
CA SER B 45 2.70 13.88 -29.07
C SER B 45 3.46 13.62 -27.78
N GLN B 46 2.79 13.68 -26.63
CA GLN B 46 3.39 13.29 -25.36
C GLN B 46 2.94 11.89 -24.99
N GLU B 47 3.60 11.30 -24.00
CA GLU B 47 3.17 10.03 -23.43
C GLU B 47 2.74 10.26 -21.99
N TYR B 48 1.52 9.83 -21.67
CA TYR B 48 0.94 10.03 -20.35
C TYR B 48 0.67 8.68 -19.69
N VAL B 49 0.95 8.59 -18.38
CA VAL B 49 0.63 7.40 -17.61
C VAL B 49 -0.83 7.46 -17.19
N LYS B 50 -1.59 6.43 -17.51
CA LYS B 50 -3.04 6.39 -17.28
C LYS B 50 -3.42 5.67 -16.00
N GLU B 51 -2.80 4.52 -15.72
CA GLU B 51 -3.02 3.79 -14.48
C GLU B 51 -1.74 3.07 -14.13
N VAL B 52 -1.59 2.74 -12.85
CA VAL B 52 -0.42 2.02 -12.37
C VAL B 52 -0.87 0.86 -11.50
N LEU B 53 -0.38 -0.33 -11.83
CA LEU B 53 -0.40 -1.49 -10.94
C LEU B 53 0.98 -1.62 -10.30
N GLN B 54 0.99 -1.95 -9.02
CA GLN B 54 2.23 -2.10 -8.27
C GLN B 54 2.08 -3.33 -7.39
N ILE B 55 3.04 -4.24 -7.47
CA ILE B 55 2.86 -5.63 -7.06
C ILE B 55 3.99 -6.01 -6.13
N SER B 56 3.64 -6.55 -4.96
CA SER B 56 4.65 -6.95 -3.99
C SER B 56 5.48 -8.11 -4.53
N SER B 57 6.69 -8.24 -3.97
CA SER B 57 7.63 -9.27 -4.43
C SER B 57 7.06 -10.68 -4.30
N ASP B 58 6.05 -10.88 -3.45
CA ASP B 58 5.40 -12.17 -3.31
C ASP B 58 4.15 -12.29 -4.19
N GLY B 59 3.90 -11.32 -5.06
CA GLY B 59 2.82 -11.40 -6.03
C GLY B 59 1.43 -11.43 -5.44
N ASN B 60 1.31 -11.17 -4.14
CA ASN B 60 0.04 -11.30 -3.44
C ASN B 60 -0.60 -9.95 -3.09
N THR B 61 0.04 -8.83 -3.41
CA THR B 61 -0.47 -7.52 -3.06
C THR B 61 -0.48 -6.63 -4.30
N ILE B 62 -1.66 -6.18 -4.71
CA ILE B 62 -1.82 -5.41 -5.94
C ILE B 62 -2.36 -4.04 -5.55
N THR B 63 -1.54 -3.00 -5.70
CA THR B 63 -1.93 -1.61 -5.45
C THR B 63 -2.15 -0.96 -6.82
N ILE B 64 -3.38 -0.58 -7.12
CA ILE B 64 -3.76 -0.04 -8.42
C ILE B 64 -4.29 1.36 -8.20
N TYR B 65 -3.70 2.34 -8.90
CA TYR B 65 -4.17 3.71 -8.73
C TYR B 65 -4.16 4.46 -10.05
N TYR B 66 -5.10 5.41 -10.16
CA TYR B 66 -5.30 6.23 -11.33
C TYR B 66 -5.10 7.70 -11.01
N PRO B 67 -4.36 8.45 -11.83
CA PRO B 67 -4.26 9.90 -11.64
C PRO B 67 -5.55 10.62 -12.03
N ASN B 68 -5.59 11.92 -11.72
CA ASN B 68 -6.75 12.74 -11.97
C ASN B 68 -6.68 13.41 -13.34
N ARG B 71 -6.45 13.82 -17.55
CA ARG B 71 -5.51 13.44 -18.59
C ARG B 71 -4.47 12.48 -18.03
N GLY B 72 -3.92 12.82 -16.86
CA GLY B 72 -3.06 11.92 -16.13
C GLY B 72 -1.65 12.44 -15.96
N PHE B 73 -0.73 11.50 -15.69
CA PHE B 73 0.68 11.76 -15.39
C PHE B 73 1.47 11.93 -16.68
N PRO B 74 2.49 12.79 -16.70
CA PRO B 74 3.51 12.68 -17.74
C PRO B 74 4.44 11.52 -17.44
N LEU B 75 4.90 10.85 -18.49
CA LEU B 75 5.61 9.59 -18.34
C LEU B 75 7.00 9.85 -17.75
N ALA B 76 7.18 9.49 -16.47
CA ALA B 76 8.45 9.65 -15.78
C ALA B 76 9.33 8.43 -15.97
N ASP B 77 10.64 8.64 -15.77
CA ASP B 77 11.58 7.52 -15.84
C ASP B 77 11.32 6.53 -14.72
N ARG B 78 10.94 7.02 -13.56
CA ARG B 78 10.62 6.22 -12.41
C ARG B 78 9.13 6.36 -12.09
N PRO B 79 8.45 5.25 -11.79
CA PRO B 79 6.98 5.24 -11.72
C PRO B 79 6.43 6.37 -10.85
N PRO B 80 5.30 6.95 -11.26
CA PRO B 80 4.73 8.07 -10.50
C PRO B 80 4.22 7.61 -9.15
N SER B 81 4.54 8.41 -8.13
CA SER B 81 4.14 8.09 -6.78
C SER B 81 2.62 8.01 -6.67
N PRO B 82 2.08 7.12 -5.83
CA PRO B 82 0.63 6.99 -5.74
C PRO B 82 -0.01 8.26 -5.22
N THR B 83 -1.24 8.49 -5.67
CA THR B 83 -2.05 9.63 -5.30
C THR B 83 -3.16 9.16 -4.34
N ASP B 84 -4.30 9.85 -4.35
CA ASP B 84 -5.37 9.53 -3.41
C ASP B 84 -6.13 8.28 -3.85
N ASN B 85 -6.66 8.28 -5.06
CA ASN B 85 -7.48 7.17 -5.54
C ASN B 85 -6.63 5.92 -5.74
N ILE B 86 -6.51 5.10 -4.69
CA ILE B 86 -5.79 3.84 -4.78
C ILE B 86 -6.76 2.69 -4.48
N SER B 87 -6.28 1.47 -4.73
CA SER B 87 -7.07 0.26 -4.45
C SER B 87 -6.11 -0.89 -4.23
N ARG B 88 -6.14 -1.50 -3.04
CA ARG B 88 -5.36 -2.70 -2.76
C ARG B 88 -6.24 -3.94 -2.84
N TYR B 89 -5.80 -4.91 -3.62
CA TYR B 89 -6.40 -6.23 -3.67
C TYR B 89 -5.35 -7.28 -3.33
N SER B 90 -5.81 -8.45 -2.88
CA SER B 90 -4.94 -9.61 -2.81
C SER B 90 -4.97 -10.33 -4.17
N PHE B 91 -4.06 -11.29 -4.32
CA PHE B 91 -3.94 -12.04 -5.58
C PHE B 91 -5.27 -12.57 -6.08
N ASP B 92 -5.84 -13.51 -5.33
CA ASP B 92 -7.09 -14.16 -5.71
C ASP B 92 -8.33 -13.36 -5.32
N ASN B 93 -8.18 -12.08 -4.98
CA ASN B 93 -9.29 -11.14 -4.94
C ASN B 93 -9.23 -10.13 -6.08
N LEU B 94 -8.17 -10.15 -6.88
CA LEU B 94 -7.99 -9.22 -7.98
C LEU B 94 -9.03 -9.48 -9.06
N PRO B 95 -9.93 -8.55 -9.33
CA PRO B 95 -11.00 -8.82 -10.31
C PRO B 95 -10.46 -8.98 -11.72
N GLU B 96 -11.29 -9.61 -12.57
CA GLU B 96 -10.87 -9.98 -13.91
C GLU B 96 -10.42 -8.79 -14.74
N LYS B 97 -10.83 -7.57 -14.35
CA LYS B 97 -10.48 -6.37 -15.10
C LYS B 97 -8.98 -6.23 -15.30
N TYR B 98 -8.18 -6.82 -14.41
CA TYR B 98 -6.76 -6.52 -14.31
C TYR B 98 -5.85 -7.67 -14.69
N TRP B 99 -6.40 -8.87 -14.90
CA TRP B 99 -5.55 -10.07 -14.99
C TRP B 99 -4.53 -9.97 -16.11
N ARG B 100 -4.92 -9.41 -17.26
CA ARG B 100 -3.97 -9.26 -18.36
C ARG B 100 -2.83 -8.33 -17.98
N LYS B 101 -3.15 -7.24 -17.29
CA LYS B 101 -2.14 -6.28 -16.89
C LYS B 101 -1.19 -6.89 -15.86
N TYR B 102 -1.73 -7.67 -14.91
CA TYR B 102 -0.87 -8.38 -13.98
C TYR B 102 -0.06 -9.45 -14.72
N GLN B 103 -0.58 -9.94 -15.84
CA GLN B 103 0.11 -10.97 -16.58
C GLN B 103 1.34 -10.42 -17.31
N TYR B 104 1.25 -9.18 -17.79
CA TYR B 104 2.44 -8.54 -18.34
C TYR B 104 3.59 -8.60 -17.33
N ALA B 105 3.31 -8.18 -16.09
CA ALA B 105 4.32 -8.19 -15.03
C ALA B 105 4.80 -9.60 -14.73
N SER B 106 3.88 -10.56 -14.65
CA SER B 106 4.28 -11.93 -14.30
C SER B 106 5.18 -12.53 -15.37
N ARG B 107 4.84 -12.35 -16.64
CA ARG B 107 5.68 -12.87 -17.72
C ARG B 107 7.01 -12.13 -17.77
N PHE B 108 7.01 -10.83 -17.51
CA PHE B 108 8.26 -10.08 -17.41
C PHE B 108 9.18 -10.68 -16.36
N VAL B 109 8.65 -10.93 -15.17
CA VAL B 109 9.49 -11.43 -14.10
C VAL B 109 9.92 -12.87 -14.36
N GLN B 110 9.06 -13.68 -14.99
CA GLN B 110 9.46 -15.03 -15.34
C GLN B 110 10.55 -15.02 -16.41
N LEU B 111 10.58 -13.98 -17.24
CA LEU B 111 11.68 -13.81 -18.18
C LEU B 111 12.96 -13.39 -17.46
N VAL B 112 12.85 -12.41 -16.55
CA VAL B 112 14.04 -11.90 -15.87
C VAL B 112 14.67 -12.99 -15.01
N ARG B 113 13.85 -13.83 -14.37
CA ARG B 113 14.36 -14.96 -13.61
C ARG B 113 15.12 -15.96 -14.48
N SER B 114 14.86 -15.95 -15.79
CA SER B 114 15.54 -16.85 -16.71
C SER B 114 16.87 -16.30 -17.21
N LYS B 115 17.14 -15.01 -17.03
CA LYS B 115 18.41 -14.40 -17.43
C LYS B 115 19.14 -13.79 -16.25
N SER B 116 18.96 -14.34 -15.05
CA SER B 116 19.55 -13.80 -13.83
C SER B 116 20.25 -14.92 -13.08
N PRO B 117 21.56 -14.84 -12.85
CA PRO B 117 22.28 -15.96 -12.25
C PRO B 117 21.98 -16.10 -10.76
N LYS B 118 21.90 -17.35 -10.30
CA LYS B 118 21.75 -17.67 -8.89
C LYS B 118 22.96 -18.39 -8.33
N ILE B 119 23.54 -19.29 -9.11
CA ILE B 119 24.78 -19.99 -8.74
C ILE B 119 25.67 -20.03 -9.98
N THR B 120 26.75 -19.25 -9.96
CA THR B 120 27.77 -19.28 -10.99
C THR B 120 28.92 -20.16 -10.51
N TYR B 121 29.35 -21.10 -11.34
CA TYR B 121 30.33 -22.10 -10.92
C TYR B 121 31.33 -22.36 -12.04
N PHE B 122 32.62 -22.16 -11.75
CA PHE B 122 33.69 -22.25 -12.74
C PHE B 122 34.32 -23.63 -12.68
N THR B 123 34.15 -24.41 -13.74
CA THR B 123 34.85 -25.69 -13.85
C THR B 123 36.18 -25.49 -14.56
N ARG B 124 36.96 -26.57 -14.61
CA ARG B 124 38.19 -26.55 -15.38
C ARG B 124 37.95 -26.30 -16.86
N TYR B 125 36.76 -26.61 -17.36
CA TYR B 125 36.46 -26.55 -18.79
C TYR B 125 35.35 -25.59 -19.17
N ALA B 126 34.56 -25.09 -18.23
CA ALA B 126 33.43 -24.25 -18.59
C ALA B 126 33.06 -23.34 -17.42
N LYS B 127 32.14 -22.41 -17.70
CA LYS B 127 31.55 -21.50 -16.72
C LYS B 127 30.07 -21.82 -16.66
N CYS B 128 29.62 -22.38 -15.55
CA CYS B 128 28.24 -22.78 -15.38
C CYS B 128 27.44 -21.68 -14.70
N ILE B 129 26.19 -21.51 -15.13
CA ILE B 129 25.27 -20.55 -14.53
C ILE B 129 23.93 -21.24 -14.36
N LEU B 130 23.57 -21.55 -13.12
CA LEU B 130 22.21 -21.93 -12.79
C LEU B 130 21.39 -20.65 -12.62
N MET B 131 20.26 -20.58 -13.31
CA MET B 131 19.42 -19.38 -13.30
C MET B 131 18.44 -19.41 -12.15
N GLU B 132 17.76 -18.27 -11.95
CA GLU B 132 16.93 -18.08 -10.76
C GLU B 132 15.57 -18.76 -10.88
N ASN B 133 15.06 -18.93 -12.10
CA ASN B 133 13.69 -19.39 -12.32
C ASN B 133 13.43 -20.81 -11.85
N SER B 134 13.54 -21.07 -10.56
CA SER B 134 13.15 -22.36 -10.02
C SER B 134 11.64 -22.40 -9.79
N PRO B 135 11.01 -23.58 -9.89
CA PRO B 135 11.58 -24.89 -10.21
C PRO B 135 11.85 -25.08 -11.70
N GLY B 136 12.68 -26.06 -12.03
CA GLY B 136 13.08 -26.26 -13.41
C GLY B 136 13.93 -25.13 -13.92
N ALA B 137 15.02 -24.86 -13.23
CA ALA B 137 15.85 -23.70 -13.53
C ALA B 137 16.55 -23.87 -14.87
N ASP B 138 16.66 -22.76 -15.61
CA ASP B 138 17.54 -22.75 -16.78
C ASP B 138 18.99 -22.97 -16.34
N PHE B 139 19.80 -23.52 -17.24
CA PHE B 139 21.20 -23.82 -16.92
C PHE B 139 22.04 -23.52 -18.15
N GLU B 140 22.82 -22.45 -18.09
CA GLU B 140 23.75 -22.13 -19.16
C GLU B 140 25.13 -22.70 -18.83
N VAL B 141 25.81 -23.16 -19.87
CA VAL B 141 27.18 -23.64 -19.75
C VAL B 141 27.97 -22.97 -20.86
N TRP B 142 28.79 -21.99 -20.50
CA TRP B 142 29.65 -21.29 -21.47
C TRP B 142 31.04 -21.90 -21.35
N PHE B 143 31.36 -22.82 -22.25
CA PHE B 143 32.69 -23.41 -22.28
C PHE B 143 33.72 -22.33 -22.62
N TYR B 144 34.89 -22.42 -21.98
CA TYR B 144 36.00 -21.57 -22.41
C TYR B 144 36.41 -21.90 -23.84
N ASP B 145 36.04 -23.09 -24.32
CA ASP B 145 36.34 -23.58 -25.66
C ASP B 145 35.56 -22.83 -26.74
N GLY B 146 34.66 -21.92 -26.36
CA GLY B 146 33.79 -21.24 -27.30
C GLY B 146 32.42 -21.88 -27.46
N VAL B 147 32.26 -23.13 -27.02
CA VAL B 147 30.98 -23.82 -27.12
C VAL B 147 29.98 -23.23 -26.13
N LYS B 148 28.69 -23.45 -26.40
CA LYS B 148 27.66 -23.03 -25.47
C LYS B 148 26.58 -24.10 -25.41
N ILE B 149 26.18 -24.47 -24.18
CA ILE B 149 25.10 -25.44 -23.98
C ILE B 149 24.04 -24.78 -23.11
N HIS B 150 22.86 -24.55 -23.69
CA HIS B 150 21.76 -23.89 -23.00
C HIS B 150 20.70 -24.95 -22.70
N LYS B 151 20.51 -25.28 -21.43
CA LYS B 151 19.50 -26.24 -21.02
C LYS B 151 18.29 -25.49 -20.48
N THR B 152 17.12 -25.76 -21.06
CA THR B 152 15.86 -25.18 -20.65
C THR B 152 15.03 -26.31 -19.99
N GLU B 153 13.71 -26.19 -20.04
CA GLU B 153 12.85 -27.20 -19.42
C GLU B 153 12.66 -28.42 -20.32
N ASP B 154 12.73 -28.22 -21.64
CA ASP B 154 12.64 -29.31 -22.60
C ASP B 154 13.43 -29.04 -23.86
N PHE B 155 14.11 -27.90 -23.95
CA PHE B 155 14.79 -27.42 -25.14
C PHE B 155 16.26 -27.20 -24.79
N ILE B 156 17.15 -27.98 -25.40
CA ILE B 156 18.58 -27.90 -25.09
C ILE B 156 19.29 -27.45 -26.36
N GLN B 157 19.70 -26.19 -26.45
CA GLN B 157 20.41 -25.76 -27.65
C GLN B 157 21.91 -25.95 -27.44
N VAL B 158 22.58 -26.38 -28.50
CA VAL B 158 24.01 -26.66 -28.47
C VAL B 158 24.65 -25.85 -29.59
N ILE B 159 25.40 -24.82 -29.22
CA ILE B 159 26.09 -23.95 -30.16
C ILE B 159 27.54 -24.40 -30.20
N GLU B 160 27.95 -24.98 -31.32
CA GLU B 160 29.30 -25.51 -31.48
C GLU B 160 30.28 -24.38 -31.76
N LYS B 161 31.56 -24.74 -31.91
CA LYS B 161 32.60 -23.76 -32.21
C LYS B 161 32.35 -23.11 -33.56
N THR B 162 32.03 -23.92 -34.57
CA THR B 162 31.78 -23.39 -35.92
C THR B 162 30.69 -22.34 -35.91
N GLY B 163 29.54 -22.67 -35.33
CA GLY B 163 28.41 -21.78 -35.34
C GLY B 163 27.12 -22.57 -35.45
N LYS B 164 27.23 -23.82 -35.86
CA LYS B 164 26.07 -24.70 -35.92
C LYS B 164 25.38 -24.75 -34.57
N SER B 165 24.05 -24.73 -34.60
CA SER B 165 23.26 -24.74 -33.37
C SER B 165 22.05 -25.62 -33.61
N TYR B 166 21.99 -26.76 -32.91
CA TYR B 166 20.81 -27.59 -32.96
C TYR B 166 20.11 -27.53 -31.60
N THR B 167 18.97 -28.20 -31.53
CA THR B 167 18.17 -28.29 -30.32
C THR B 167 17.82 -29.74 -30.03
N LEU B 168 18.18 -30.19 -28.84
CA LEU B 168 17.82 -31.51 -28.36
C LEU B 168 16.50 -31.44 -27.60
N LYS B 169 15.66 -32.46 -27.80
CA LYS B 169 14.35 -32.59 -27.19
C LYS B 169 14.33 -33.71 -26.17
N SER B 170 14.20 -34.95 -26.64
CA SER B 170 14.19 -36.14 -25.81
C SER B 170 15.56 -36.80 -25.81
N GLU B 171 15.77 -37.68 -24.83
CA GLU B 171 17.04 -38.38 -24.72
C GLU B 171 17.32 -39.28 -25.92
N SER B 172 16.31 -39.54 -26.76
CA SER B 172 16.53 -40.20 -28.03
C SER B 172 17.46 -39.36 -28.91
N GLU B 173 17.28 -38.04 -28.92
CA GLU B 173 18.20 -37.16 -29.63
C GLU B 173 19.45 -36.86 -28.82
N VAL B 174 19.42 -37.08 -27.50
CA VAL B 174 20.59 -36.81 -26.67
C VAL B 174 21.65 -37.88 -26.86
N ASN B 175 21.28 -39.15 -26.69
CA ASN B 175 22.23 -40.24 -26.80
C ASN B 175 22.72 -40.45 -28.23
N SER B 176 21.99 -39.91 -29.22
CA SER B 176 22.35 -40.07 -30.62
C SER B 176 23.47 -39.15 -31.07
N LEU B 177 24.00 -38.33 -30.18
CA LEU B 177 25.04 -37.38 -30.56
C LEU B 177 26.39 -38.07 -30.74
N LYS B 178 27.20 -37.51 -31.62
CA LYS B 178 28.52 -38.06 -31.90
C LYS B 178 29.38 -38.05 -30.65
N GLU B 179 30.47 -38.82 -30.71
CA GLU B 179 31.30 -39.08 -29.53
C GLU B 179 31.96 -37.82 -28.99
N GLU B 180 31.96 -36.72 -29.76
CA GLU B 180 32.56 -35.47 -29.29
C GLU B 180 31.63 -34.72 -28.33
N ILE B 181 30.50 -34.25 -28.84
CA ILE B 181 29.57 -33.46 -28.03
C ILE B 181 28.93 -34.27 -26.91
N LYS B 182 29.02 -35.60 -26.97
CA LYS B 182 28.45 -36.43 -25.91
C LYS B 182 29.15 -36.20 -24.58
N MET B 183 30.47 -36.02 -24.61
CA MET B 183 31.18 -35.74 -23.36
C MET B 183 31.03 -34.30 -22.91
N TYR B 184 30.79 -33.37 -23.85
CA TYR B 184 30.32 -32.04 -23.47
C TYR B 184 29.02 -32.12 -22.68
N MET B 185 28.08 -32.93 -23.16
CA MET B 185 26.82 -33.13 -22.44
C MET B 185 27.06 -33.76 -21.08
N ASP B 186 27.94 -34.76 -21.00
CA ASP B 186 28.26 -35.37 -19.72
C ASP B 186 28.81 -34.33 -18.74
N HIS B 187 29.76 -33.50 -19.22
CA HIS B 187 30.32 -32.43 -18.41
C HIS B 187 29.25 -31.48 -17.89
N ALA B 188 28.43 -30.94 -18.80
CA ALA B 188 27.39 -30.01 -18.38
C ALA B 188 26.38 -30.66 -17.45
N ASN B 189 26.07 -31.94 -17.65
CA ASN B 189 25.14 -32.64 -16.77
C ASN B 189 25.69 -32.76 -15.36
N GLU B 190 26.98 -33.13 -15.24
CA GLU B 190 27.59 -33.20 -13.92
C GLU B 190 27.64 -31.83 -13.26
N GLY B 191 27.90 -30.78 -14.05
CA GLY B 191 27.90 -29.43 -13.51
C GLY B 191 26.53 -29.01 -13.00
N HIS B 192 25.47 -29.41 -13.72
CA HIS B 192 24.12 -29.07 -13.31
C HIS B 192 23.75 -29.81 -12.03
N ARG B 193 24.10 -31.10 -11.94
CA ARG B 193 23.90 -31.83 -10.69
C ARG B 193 24.59 -31.13 -9.54
N ILE B 194 25.85 -30.72 -9.74
CA ILE B 194 26.61 -30.00 -8.72
C ILE B 194 25.84 -28.76 -8.27
N CYS B 195 25.47 -27.91 -9.23
CA CYS B 195 24.84 -26.64 -8.87
C CYS B 195 23.49 -26.84 -8.21
N LEU B 196 22.75 -27.87 -8.61
CA LEU B 196 21.44 -28.12 -8.03
C LEU B 196 21.56 -28.60 -6.58
N ALA B 197 22.50 -29.51 -6.33
CA ALA B 197 22.76 -29.94 -4.95
C ALA B 197 23.19 -28.76 -4.08
N LEU B 198 24.07 -27.92 -4.60
CA LEU B 198 24.51 -26.76 -3.82
C LEU B 198 23.34 -25.81 -3.54
N GLU B 199 22.47 -25.61 -4.54
CA GLU B 199 21.28 -24.80 -4.33
C GLU B 199 20.45 -25.33 -3.16
N SER B 200 20.15 -26.62 -3.19
CA SER B 200 19.34 -27.22 -2.13
C SER B 200 19.99 -27.03 -0.77
N ILE B 201 21.29 -27.35 -0.67
CA ILE B 201 21.98 -27.28 0.62
C ILE B 201 21.97 -25.86 1.17
N ILE B 202 22.40 -24.91 0.34
CA ILE B 202 22.55 -23.54 0.81
C ILE B 202 21.19 -22.91 1.08
N SER B 203 20.16 -23.29 0.33
CA SER B 203 18.82 -22.77 0.62
C SER B 203 18.31 -23.28 1.95
N GLU B 204 18.56 -24.56 2.27
CA GLU B 204 18.14 -25.06 3.58
C GLU B 204 18.90 -24.39 4.71
N GLU B 205 20.20 -24.19 4.54
CA GLU B 205 20.97 -23.47 5.55
C GLU B 205 20.47 -22.03 5.72
N GLU B 206 20.08 -21.39 4.61
CA GLU B 206 19.51 -20.05 4.67
C GLU B 206 18.20 -20.05 5.44
N ARG B 207 17.35 -21.05 5.19
CA ARG B 207 16.10 -21.18 5.93
C ARG B 207 16.36 -21.30 7.43
N LYS B 208 17.41 -22.04 7.80
CA LYS B 208 17.78 -22.12 9.22
C LYS B 208 18.18 -20.75 9.76
N THR B 209 19.21 -20.13 9.17
CA THR B 209 19.80 -18.95 9.78
C THR B 209 18.86 -17.74 9.72
N ARG B 210 18.16 -17.56 8.59
CA ARG B 210 17.22 -16.45 8.39
C ARG B 210 17.89 -15.10 8.61
N SER B 211 18.77 -14.77 7.67
CA SER B 211 19.56 -13.54 7.71
C SER B 211 19.62 -12.96 6.30
N ALA B 212 20.66 -12.16 6.04
CA ALA B 212 20.94 -11.58 4.72
C ALA B 212 21.01 -12.70 3.69
N PRO B 213 20.65 -12.45 2.43
CA PRO B 213 20.43 -13.56 1.50
C PRO B 213 21.71 -14.34 1.21
N PHE B 214 21.55 -15.63 0.95
CA PHE B 214 22.65 -16.49 0.56
C PHE B 214 22.74 -16.67 -0.95
N PHE B 215 21.94 -15.95 -1.73
CA PHE B 215 22.03 -16.00 -3.17
C PHE B 215 22.02 -14.59 -3.74
N PRO B 216 22.72 -14.36 -4.87
CA PRO B 216 23.48 -15.32 -5.67
C PRO B 216 24.83 -15.73 -5.07
N ILE B 217 25.45 -16.75 -5.69
CA ILE B 217 26.73 -17.28 -5.26
C ILE B 217 27.62 -17.44 -6.48
N ILE B 218 28.92 -17.19 -6.28
CA ILE B 218 29.93 -17.32 -7.33
C ILE B 218 31.08 -18.16 -6.79
N ILE B 219 31.43 -19.22 -7.52
CA ILE B 219 32.29 -20.28 -7.04
C ILE B 219 33.40 -20.50 -8.07
N GLY B 220 34.57 -19.94 -7.81
CA GLY B 220 35.75 -20.21 -8.61
C GLY B 220 36.21 -19.00 -9.41
N ARG B 221 37.25 -19.23 -10.21
CA ARG B 221 37.84 -18.21 -11.05
C ARG B 221 38.17 -18.80 -12.41
N LYS B 222 38.03 -18.01 -13.45
CA LYS B 222 38.44 -18.45 -14.79
C LYS B 222 39.95 -18.54 -14.84
N PRO B 223 40.53 -19.72 -15.11
CA PRO B 223 41.99 -19.93 -15.17
C PRO B 223 42.68 -18.98 -16.16
#